data_6DMK
#
_entry.id   6DMK
#
_cell.length_a   24.697
_cell.length_b   44.311
_cell.length_c   52.916
_cell.angle_alpha   90.000
_cell.angle_beta   95.870
_cell.angle_gamma   90.000
#
_symmetry.space_group_name_H-M   'P 1 21 1'
#
loop_
_entity.id
_entity.type
_entity.pdbx_description
1 polymer 'CREB-binding protein'
2 non-polymer 'NITRATE ION'
3 non-polymer 5-(3,5-dimethyl-1,2-oxazol-4-yl)-1-[2-(morpholin-4-yl)ethyl]-2-(2-phenylethyl)-1H-benzimidazole
4 non-polymer 1,2-ETHANEDIOL
5 water water
#
_entity_poly.entity_id   1
_entity_poly.type   'polypeptide(L)'
_entity_poly.pdbx_seq_one_letter_code
;KIFKPEELRQALMPTLEALYRQDPESLPFRQPVDPQLLGIPDYFDIVKNPMDLSTIKRKLDTGQYQEPWQYVDDVWLMFN
NAWLYNRKTSRVYKFCSKLAEVFEQEIDPVMQS
;
_entity_poly.pdbx_strand_id   A
#
loop_
_chem_comp.id
_chem_comp.type
_chem_comp.name
_chem_comp.formula
2LL non-polymer 5-(3,5-dimethyl-1,2-oxazol-4-yl)-1-[2-(morpholin-4-yl)ethyl]-2-(2-phenylethyl)-1H-benzimidazole 'C26 H30 N4 O2'
EDO non-polymer 1,2-ETHANEDIOL 'C2 H6 O2'
NO3 non-polymer 'NITRATE ION' 'N O3 -1'
#
# COMPACT_ATOMS: atom_id res chain seq x y z
N LYS A 1 -12.56 18.15 -10.66
CA LYS A 1 -13.30 16.89 -10.55
C LYS A 1 -13.76 16.58 -9.11
N ILE A 2 -15.07 16.33 -8.90
CA ILE A 2 -15.63 15.86 -7.62
C ILE A 2 -15.75 14.35 -7.68
N PHE A 3 -15.64 13.70 -6.52
CA PHE A 3 -15.56 12.24 -6.49
C PHE A 3 -16.47 11.63 -5.43
N LYS A 4 -17.29 10.68 -5.86
CA LYS A 4 -18.23 9.97 -4.99
C LYS A 4 -17.52 8.87 -4.21
N PRO A 5 -17.36 8.99 -2.88
CA PRO A 5 -16.61 7.99 -2.11
C PRO A 5 -17.04 6.54 -2.33
N GLU A 6 -18.27 6.29 -2.76
CA GLU A 6 -18.64 4.93 -3.10
C GLU A 6 -18.18 4.59 -4.51
N GLU A 7 -18.22 5.57 -5.43
CA GLU A 7 -17.70 5.34 -6.78
C GLU A 7 -16.18 5.18 -6.75
N LEU A 8 -15.52 5.82 -5.77
CA LEU A 8 -14.07 5.69 -5.57
C LEU A 8 -13.70 4.38 -4.89
N ARG A 9 -14.48 3.96 -3.90
CA ARG A 9 -14.31 2.61 -3.39
C ARG A 9 -14.43 1.60 -4.53
N GLN A 10 -15.55 1.62 -5.26
CA GLN A 10 -15.75 0.60 -6.30
C GLN A 10 -14.70 0.69 -7.40
N ALA A 11 -14.14 1.86 -7.66
CA ALA A 11 -13.16 1.94 -8.74
C ALA A 11 -11.75 1.55 -8.28
N LEU A 12 -11.37 1.94 -7.06
CA LEU A 12 -10.02 1.72 -6.55
C LEU A 12 -9.83 0.38 -5.85
N MET A 13 -10.84 -0.14 -5.16
CA MET A 13 -10.64 -1.38 -4.41
C MET A 13 -10.10 -2.50 -5.30
N PRO A 14 -10.51 -2.66 -6.56
CA PRO A 14 -9.89 -3.73 -7.36
C PRO A 14 -8.38 -3.55 -7.52
N THR A 15 -7.88 -2.32 -7.42
CA THR A 15 -6.42 -2.15 -7.47
C THR A 15 -5.82 -2.62 -6.15
N LEU A 16 -6.54 -2.41 -5.04
CA LEU A 16 -6.05 -2.87 -3.74
C LEU A 16 -6.14 -4.37 -3.65
N GLU A 17 -7.28 -4.93 -4.13
CA GLU A 17 -7.43 -6.38 -4.16
C GLU A 17 -6.34 -7.03 -5.00
N ALA A 18 -5.91 -6.36 -6.07
CA ALA A 18 -4.84 -6.91 -6.88
C ALA A 18 -3.56 -7.08 -6.06
N LEU A 19 -3.34 -6.20 -5.09
CA LEU A 19 -2.13 -6.34 -4.28
C LEU A 19 -2.30 -7.48 -3.27
N TYR A 20 -3.44 -7.53 -2.60
CA TYR A 20 -3.72 -8.66 -1.71
C TYR A 20 -3.56 -10.01 -2.41
N ARG A 21 -3.97 -10.11 -3.67
CA ARG A 21 -3.90 -11.42 -4.34
C ARG A 21 -2.49 -11.94 -4.51
N GLN A 22 -1.45 -11.11 -4.37
CA GLN A 22 -0.10 -11.61 -4.58
C GLN A 22 0.33 -12.39 -3.34
N ASP A 23 0.57 -13.68 -3.52
CA ASP A 23 1.07 -14.58 -2.48
C ASP A 23 2.31 -15.25 -3.02
N PRO A 24 3.49 -15.08 -2.40
CA PRO A 24 3.65 -14.61 -1.01
C PRO A 24 3.88 -13.11 -0.89
N GLU A 25 3.85 -12.37 -1.99
CA GLU A 25 4.48 -11.07 -1.91
C GLU A 25 3.70 -10.06 -1.07
N SER A 26 2.39 -10.24 -0.90
CA SER A 26 1.65 -9.30 -0.09
C SER A 26 1.68 -9.62 1.38
N LEU A 27 2.19 -10.76 1.77
CA LEU A 27 2.02 -11.20 3.15
C LEU A 27 2.67 -10.26 4.13
N PRO A 28 3.86 -9.74 3.90
CA PRO A 28 4.40 -8.78 4.86
C PRO A 28 3.61 -7.47 4.96
N PHE A 29 2.74 -7.15 3.97
CA PHE A 29 2.11 -5.86 3.86
C PHE A 29 0.66 -5.87 4.30
N ARG A 30 0.17 -6.98 4.80
CA ARG A 30 -1.26 -7.07 5.07
C ARG A 30 -1.65 -6.44 6.40
N GLN A 31 -0.76 -6.37 7.36
CA GLN A 31 -1.01 -5.75 8.64
C GLN A 31 0.10 -4.76 8.94
N PRO A 32 -0.09 -3.86 9.90
CA PRO A 32 0.97 -2.89 10.20
C PRO A 32 2.23 -3.56 10.68
N VAL A 33 3.38 -2.97 10.27
CA VAL A 33 4.64 -3.46 10.78
C VAL A 33 4.62 -3.34 12.28
N ASP A 34 4.97 -4.47 12.98
CA ASP A 34 5.12 -4.51 14.42
C ASP A 34 6.59 -4.64 14.77
N PRO A 35 7.28 -3.58 15.14
CA PRO A 35 8.71 -3.71 15.35
C PRO A 35 9.09 -4.64 16.46
N GLN A 36 8.23 -4.80 17.45
CA GLN A 36 8.53 -5.73 18.53
C GLN A 36 8.50 -7.17 18.06
N LEU A 37 7.53 -7.52 17.22
CA LEU A 37 7.48 -8.90 16.68
C LEU A 37 8.60 -9.21 15.75
N LEU A 38 9.04 -8.22 15.00
CA LEU A 38 10.04 -8.44 14.00
C LEU A 38 11.42 -8.18 14.51
N GLY A 39 11.52 -7.62 15.71
CA GLY A 39 12.78 -7.41 16.36
C GLY A 39 13.60 -6.30 15.78
N ILE A 40 12.97 -5.17 15.45
CA ILE A 40 13.59 -4.08 14.70
C ILE A 40 13.28 -2.78 15.42
N PRO A 41 13.89 -2.54 16.57
CA PRO A 41 13.47 -1.43 17.43
C PRO A 41 13.69 -0.05 16.82
N ASP A 42 14.45 0.06 15.75
CA ASP A 42 14.69 1.35 15.10
C ASP A 42 13.70 1.65 14.00
N TYR A 43 12.71 0.76 13.78
CA TYR A 43 11.82 0.96 12.64
C TYR A 43 11.08 2.29 12.71
N PHE A 44 10.48 2.61 13.85
CA PHE A 44 9.68 3.84 13.91
C PHE A 44 10.54 5.10 13.92
N ASP A 45 11.84 4.95 14.12
CA ASP A 45 12.70 6.11 13.99
C ASP A 45 12.91 6.42 12.51
N ILE A 46 13.09 5.37 11.70
CA ILE A 46 13.38 5.51 10.29
C ILE A 46 12.13 5.79 9.50
N VAL A 47 11.03 5.15 9.88
CA VAL A 47 9.77 5.20 9.17
C VAL A 47 8.84 6.03 10.01
N LYS A 48 8.65 7.30 9.61
CA LYS A 48 7.88 8.23 10.40
C LYS A 48 6.38 8.14 10.12
N ASN A 49 6.02 7.65 8.96
CA ASN A 49 4.64 7.60 8.50
C ASN A 49 4.33 6.21 7.99
N PRO A 50 4.09 5.24 8.90
CA PRO A 50 3.81 3.88 8.44
C PRO A 50 2.51 3.76 7.67
N MET A 51 2.47 2.77 6.80
CA MET A 51 1.28 2.46 6.05
C MET A 51 1.31 1.00 5.66
N ASP A 52 0.12 0.42 5.52
CA ASP A 52 0.04 -0.95 5.10
C ASP A 52 -1.31 -1.22 4.44
N LEU A 53 -1.47 -2.42 3.94
CA LEU A 53 -2.68 -2.73 3.16
C LEU A 53 -3.95 -2.63 4.01
N SER A 54 -3.89 -3.05 5.26
CA SER A 54 -5.10 -2.98 6.10
C SER A 54 -5.53 -1.53 6.35
N THR A 55 -4.57 -0.64 6.52
CA THR A 55 -4.88 0.74 6.79
C THR A 55 -5.49 1.38 5.57
N ILE A 56 -4.95 1.08 4.39
CA ILE A 56 -5.51 1.65 3.17
C ILE A 56 -6.93 1.15 2.95
N LYS A 57 -7.14 -0.13 3.18
CA LYS A 57 -8.48 -0.70 3.03
C LYS A 57 -9.48 -0.05 3.98
N ARG A 58 -9.11 0.13 5.26
CA ARG A 58 -10.01 0.78 6.22
C ARG A 58 -10.28 2.22 5.85
N LYS A 59 -9.29 2.90 5.26
CA LYS A 59 -9.51 4.27 4.82
C LYS A 59 -10.48 4.30 3.65
N LEU A 60 -10.30 3.39 2.72
CA LEU A 60 -11.19 3.31 1.57
C LEU A 60 -12.59 2.93 2.01
N ASP A 61 -12.71 2.12 3.07
CA ASP A 61 -14.03 1.72 3.54
C ASP A 61 -14.69 2.82 4.35
N THR A 62 -13.91 3.71 4.96
CA THR A 62 -14.47 4.84 5.69
C THR A 62 -14.51 6.12 4.86
N GLY A 63 -14.41 6.01 3.54
CA GLY A 63 -14.52 7.20 2.70
C GLY A 63 -13.47 8.23 2.97
N GLN A 64 -12.26 7.79 3.34
CA GLN A 64 -11.20 8.69 3.75
C GLN A 64 -10.54 9.37 2.58
N TYR A 65 -10.67 8.84 1.37
CA TYR A 65 -9.96 9.37 0.21
C TYR A 65 -10.88 10.29 -0.58
N GLN A 66 -10.68 11.61 -0.42
CA GLN A 66 -11.54 12.57 -1.12
C GLN A 66 -11.36 12.49 -2.63
N GLU A 67 -10.13 12.26 -3.09
CA GLU A 67 -9.83 12.09 -4.50
C GLU A 67 -8.82 10.95 -4.63
N PRO A 68 -8.70 10.36 -5.82
CA PRO A 68 -7.96 9.10 -5.93
C PRO A 68 -6.46 9.23 -5.79
N TRP A 69 -5.88 10.41 -6.03
CA TRP A 69 -4.43 10.52 -5.88
C TRP A 69 -4.04 10.34 -4.42
N GLN A 70 -4.95 10.67 -3.51
CA GLN A 70 -4.70 10.50 -2.08
C GLN A 70 -4.56 9.02 -1.73
N TYR A 71 -5.33 8.20 -2.41
CA TYR A 71 -5.19 6.77 -2.32
C TYR A 71 -3.88 6.31 -2.93
N VAL A 72 -3.56 6.79 -4.14
CA VAL A 72 -2.32 6.42 -4.81
C VAL A 72 -1.13 6.80 -3.95
N ASP A 73 -1.22 7.94 -3.26
CA ASP A 73 -0.11 8.41 -2.42
C ASP A 73 0.14 7.48 -1.25
N ASP A 74 -0.95 6.94 -0.68
CA ASP A 74 -0.79 6.01 0.44
C ASP A 74 -0.20 4.69 -0.03
N VAL A 75 -0.59 4.18 -1.20
CA VAL A 75 0.01 2.95 -1.68
C VAL A 75 1.49 3.17 -1.89
N TRP A 76 1.85 4.27 -2.56
CA TRP A 76 3.29 4.52 -2.75
C TRP A 76 4.02 4.76 -1.44
N LEU A 77 3.40 5.38 -0.47
CA LEU A 77 4.01 5.50 0.86
C LEU A 77 4.36 4.14 1.46
N MET A 78 3.41 3.22 1.42
CA MET A 78 3.67 1.88 1.88
C MET A 78 4.88 1.27 1.18
N PHE A 79 4.96 1.45 -0.14
CA PHE A 79 6.10 0.89 -0.86
C PHE A 79 7.39 1.58 -0.47
N ASN A 80 7.39 2.93 -0.44
CA ASN A 80 8.61 3.68 -0.17
C ASN A 80 9.12 3.42 1.24
N ASN A 81 8.22 3.24 2.22
CA ASN A 81 8.66 2.86 3.55
C ASN A 81 9.46 1.57 3.55
N ALA A 82 8.97 0.57 2.82
CA ALA A 82 9.60 -0.74 2.85
C ALA A 82 10.91 -0.67 2.09
N TRP A 83 10.94 0.09 0.99
CA TRP A 83 12.23 0.25 0.31
C TRP A 83 13.24 1.03 1.17
N LEU A 84 12.79 2.01 1.96
CA LEU A 84 13.71 2.80 2.78
C LEU A 84 14.31 1.95 3.88
N TYR A 85 13.48 1.16 4.53
CA TYR A 85 13.89 0.49 5.76
C TYR A 85 14.76 -0.71 5.47
N ASN A 86 14.44 -1.43 4.42
CA ASN A 86 14.95 -2.76 4.19
C ASN A 86 16.06 -2.75 3.17
N ARG A 87 17.00 -3.68 3.36
CA ARG A 87 18.11 -3.86 2.45
C ARG A 87 17.62 -4.38 1.09
N LYS A 88 18.38 -4.05 0.05
CA LYS A 88 17.93 -4.43 -1.26
C LYS A 88 17.98 -5.93 -1.51
N THR A 89 18.78 -6.66 -0.76
CA THR A 89 18.89 -8.08 -0.87
C THR A 89 17.79 -8.81 -0.09
N SER A 90 16.92 -8.11 0.60
CA SER A 90 16.00 -8.76 1.51
C SER A 90 14.71 -9.21 0.83
N ARG A 91 14.09 -10.26 1.39
CA ARG A 91 12.85 -10.78 0.86
C ARG A 91 11.75 -9.71 0.78
N VAL A 92 11.57 -8.92 1.85
CA VAL A 92 10.50 -7.91 1.83
C VAL A 92 10.78 -6.83 0.78
N TYR A 93 12.04 -6.43 0.58
CA TYR A 93 12.32 -5.41 -0.45
C TYR A 93 11.92 -5.91 -1.82
N LYS A 94 12.28 -7.18 -2.13
CA LYS A 94 11.96 -7.74 -3.44
C LYS A 94 10.46 -7.94 -3.58
N PHE A 95 9.79 -8.31 -2.51
CA PHE A 95 8.33 -8.38 -2.53
C PHE A 95 7.70 -7.02 -2.80
N CYS A 96 8.24 -5.99 -2.16
CA CYS A 96 7.74 -4.63 -2.42
C CYS A 96 7.86 -4.33 -3.89
N SER A 97 9.01 -4.64 -4.47
CA SER A 97 9.19 -4.23 -5.86
C SER A 97 8.19 -4.94 -6.76
N LYS A 98 7.82 -6.20 -6.42
CA LYS A 98 6.82 -6.93 -7.18
C LYS A 98 5.46 -6.26 -7.06
N LEU A 99 5.10 -5.82 -5.84
CA LEU A 99 3.79 -5.22 -5.64
C LEU A 99 3.67 -3.92 -6.40
N ALA A 100 4.76 -3.16 -6.44
CA ALA A 100 4.71 -1.89 -7.12
C ALA A 100 4.53 -2.09 -8.61
N GLU A 101 5.08 -3.19 -9.14
CA GLU A 101 4.89 -3.49 -10.55
C GLU A 101 3.45 -3.82 -10.82
N VAL A 102 2.85 -4.61 -9.91
CA VAL A 102 1.43 -4.92 -10.04
C VAL A 102 0.60 -3.65 -9.94
N PHE A 103 0.90 -2.81 -8.96
CA PHE A 103 0.06 -1.65 -8.74
C PHE A 103 0.06 -0.74 -9.96
N GLU A 104 1.25 -0.49 -10.52
CA GLU A 104 1.37 0.42 -11.67
C GLU A 104 0.48 -0.05 -12.83
N GLN A 105 0.49 -1.34 -13.11
CA GLN A 105 -0.36 -1.87 -14.18
C GLN A 105 -1.83 -1.67 -13.86
N GLU A 106 -2.20 -1.84 -12.60
CA GLU A 106 -3.62 -1.88 -12.28
C GLU A 106 -4.19 -0.48 -12.19
N ILE A 107 -3.43 0.46 -11.63
CA ILE A 107 -3.93 1.79 -11.35
C ILE A 107 -3.96 2.62 -12.63
N ASP A 108 -3.06 2.31 -13.58
CA ASP A 108 -2.87 3.06 -14.81
C ASP A 108 -4.23 3.36 -15.43
N PRO A 109 -4.94 2.36 -15.94
CA PRO A 109 -6.25 2.64 -16.55
C PRO A 109 -7.22 3.29 -15.59
N VAL A 110 -7.28 2.79 -14.36
CA VAL A 110 -8.31 3.24 -13.43
C VAL A 110 -8.26 4.75 -13.28
N MET A 111 -7.07 5.32 -13.21
CA MET A 111 -6.98 6.76 -13.07
C MET A 111 -7.25 7.45 -14.41
N GLN A 112 -7.19 6.72 -15.52
CA GLN A 112 -7.66 7.24 -16.79
C GLN A 112 -9.18 7.35 -16.78
N SER A 113 -9.85 6.25 -16.50
CA SER A 113 -11.30 6.25 -16.31
C SER A 113 -11.68 6.76 -14.93
N NO3 B . 5.21 -13.77 5.22
O1 NO3 B . 5.79 -12.70 4.94
O2 NO3 B . 4.38 -13.77 6.18
O3 NO3 B . 5.47 -14.82 4.58
C25 2LL C . 10.73 -5.59 8.17
C25 2LL C . 10.67 -5.68 8.40
C24 2LL C . 9.65 -5.00 7.25
C24 2LL C . 9.65 -4.98 7.51
O1 2LL C . 9.81 -3.80 6.66
O1 2LL C . 9.82 -3.74 7.05
N3 2LL C . 8.70 -3.50 5.92
N3 2LL C . 8.74 -3.37 6.27
C1 2LL C . 7.87 -4.54 5.99
C1 2LL C . 7.91 -4.41 6.25
C 2LL C . 6.54 -4.61 5.32
C 2LL C . 6.60 -4.40 5.52
C2 2LL C . 8.43 -5.50 6.83
C2 2LL C . 8.45 -5.43 7.02
C3 2LL C . 7.81 -6.88 7.24
C3 2LL C . 7.80 -6.82 7.31
C8 2LL C . 8.59 -8.02 7.00
C8 2LL C . 8.54 -7.99 7.11
C7 2LL C . 8.07 -9.28 7.38
C7 2LL C . 7.92 -9.24 7.39
N 2LL C . 8.54 -10.56 7.27
N 2LL C . 8.35 -10.53 7.30
C9 2LL C . 7.59 -11.36 7.85
C9 2LL C . 7.30 -11.32 7.73
C10 2LL C . 7.87 -12.90 7.82
C10 2LL C . 7.62 -12.85 7.65
C11 2LL C . 9.23 -13.26 8.45
C11 2LL C . 9.01 -13.20 8.25
C12 2LL C . 9.28 -12.92 9.98
C12 2LL C . 9.00 -13.08 9.82
C17 2LL C . 10.44 -12.36 10.49
C17 2LL C . 10.10 -12.52 10.43
C16 2LL C . 10.53 -12.04 11.85
C16 2LL C . 10.14 -12.41 11.82
C15 2LL C . 9.47 -12.37 12.70
C15 2LL C . 9.08 -12.90 12.58
C14 2LL C . 8.34 -12.96 12.18
C14 2LL C . 7.99 -13.48 11.96
C13 2LL C . 8.22 -13.25 10.82
C13 2LL C . 7.95 -13.59 10.56
N1 2LL C . 6.57 -10.59 8.23
N1 2LL C . 6.28 -10.52 8.04
C6 2LL C . 6.84 -9.32 7.98
C6 2LL C . 6.64 -9.26 7.85
C5 2LL C . 6.06 -8.18 8.24
C5 2LL C . 5.90 -8.08 8.07
C4 2LL C . 6.56 -6.95 7.83
C4 2LL C . 6.49 -6.87 7.77
C18 2LL C . 5.42 -11.15 8.93
C18 2LL C . 4.97 -11.01 8.56
C19 2LL C . 4.11 -11.26 8.16
C19 2LL C . 4.98 -10.76 10.10
N2 2LL C . 3.13 -11.75 9.17
N2 2LL C . 4.09 -11.67 10.85
C23 2LL C . 2.24 -12.65 8.50
C23 2LL C . 3.93 -11.27 12.21
C22 2LL C . 1.01 -12.99 9.35
C22 2LL C . 4.82 -12.00 13.23
O 2LL C . 0.37 -11.79 9.79
O 2LL C . 5.06 -13.38 12.96
C21 2LL C . 1.24 -11.00 10.58
C21 2LL C . 4.27 -13.89 11.89
C20 2LL C . 2.51 -10.62 9.79
C20 2LL C . 4.43 -13.04 10.64
H1 2LL C . 11.53 -5.77 7.66
H1 2LL C . 11.49 -5.82 7.90
H2 2LL C . 10.41 -6.43 8.56
H2 2LL C . 10.31 -6.54 8.68
H3 2LL C . 10.93 -4.97 8.88
H3 2LL C . 10.85 -5.14 9.19
H4 2LL C . 6.65 -4.45 4.36
H4 2LL C . 6.75 -4.18 4.59
H5 2LL C . 5.95 -3.93 5.69
H5 2LL C . 6.01 -3.75 5.92
H6 2LL C . 6.14 -5.48 5.45
H6 2LL C . 6.20 -5.29 5.57
H7 2LL C . 9.41 -7.95 6.57
H7 2LL C . 9.41 -7.96 6.78
H8 2LL C . 7.17 -13.35 8.30
H8 2LL C . 6.94 -13.33 8.15
H9 2LL C . 7.86 -13.20 6.89
H9 2LL C . 7.59 -13.14 6.74
H10 2LL C . 9.93 -12.76 7.99
H10 2LL C . 9.66 -12.60 7.89
H11 2LL C . 9.39 -14.20 8.33
H11 2LL C . 9.24 -14.11 8.00
H12 2LL C . 11.13 -12.14 9.92
H12 2LL C . 10.81 -12.20 9.92
H13 2LL C . 11.31 -11.65 12.20
H13 2LL C . 10.87 -12.02 12.24
H14 2LL C . 9.52 -12.17 13.60
H14 2LL C . 9.10 -12.83 13.50
H15 2LL C . 7.63 -13.16 12.75
H15 2LL C . 7.28 -13.80 12.46
H16 2LL C . 7.46 -13.65 10.49
H16 2LL C . 7.22 -13.97 10.14
H17 2LL C . 5.23 -8.24 8.67
H17 2LL C . 5.03 -8.12 8.39
H18 2LL C . 6.09 -6.16 8.03
H18 2LL C . 6.03 -6.07 7.92
H19 2LL C . 5.25 -10.59 9.70
H19 2LL C . 4.24 -10.52 8.15
H20 2LL C . 5.65 -12.03 9.24
H20 2LL C . 4.88 -11.96 8.39
H21 2LL C . 3.85 -10.39 7.83
H21 2LL C . 5.89 -10.87 10.42
H22 2LL C . 4.21 -11.89 7.43
H22 2LL C . 4.71 -9.84 10.26
H24 2LL C . 2.72 -13.48 8.30
H24 2LL C . 3.01 -11.42 12.47
H25 2LL C . 1.95 -12.25 7.67
H25 2LL C . 4.12 -10.32 12.28
H26 2LL C . 0.38 -13.50 8.81
H26 2LL C . 5.68 -11.55 13.26
H27 2LL C . 1.28 -13.52 10.12
H27 2LL C . 4.40 -11.94 14.10
H28 2LL C . 1.50 -11.50 11.37
H28 2LL C . 4.56 -14.79 11.69
H29 2LL C . 0.77 -10.20 10.85
H29 2LL C . 3.34 -13.90 12.15
H30 2LL C . 2.27 -9.99 9.08
H30 2LL C . 5.36 -13.08 10.35
H31 2LL C . 3.15 -10.20 10.38
H31 2LL C . 3.86 -13.40 9.94
C1 EDO D . 4.41 -13.89 12.12
O1 EDO D . 4.56 -13.73 10.71
C2 EDO D . 4.65 -12.58 12.86
O2 EDO D . 3.92 -11.54 12.25
H11 EDO D . 3.40 -14.25 12.34
H12 EDO D . 5.11 -14.65 12.48
HO1 EDO D . 4.40 -14.57 10.27
H21 EDO D . 4.34 -12.69 13.91
H22 EDO D . 5.72 -12.35 12.86
HO2 EDO D . 4.08 -10.71 12.72
#